data_4YIA
#
_entry.id   4YIA
#
_cell.length_a   41.980
_cell.length_b   56.070
_cell.length_c   173.360
_cell.angle_alpha   90.00
_cell.angle_beta   90.00
_cell.angle_gamma   90.00
#
_symmetry.space_group_name_H-M   'P 21 2 21'
#
loop_
_entity.id
_entity.type
_entity.pdbx_description
1 polymer 'Thyroxine-binding globulin'
2 polymer 'Thyroxine-binding globulin'
3 non-polymer 'CALCIUM ION'
4 non-polymer 'SODIUM ION'
5 non-polymer 'CHLORIDE ION'
6 non-polymer INDOMETHACIN
7 water water
#
loop_
_entity_poly.entity_id
_entity_poly.type
_entity_poly.pdbx_seq_one_letter_code
_entity_poly.pdbx_strand_id
1 'polypeptide(L)'
;MSPFLYLVLLVLGLHATIHCASPEGKVTACHSSQPNATLYKMSSINADFAFNLYRRFTVETPDKNIFFSPVSISAALVML
SFGACCSTQTEIVETLGFNLTDTPMVEIQHGFQHLICSLNFPKKELELQIGNALFIGKHLKPLAKFLNDVKTLYETEVFS
TDFSNISAAKQEINSHVEMQTKGKVVGLIQDLKPNTIMVLVNYIHFKAQWANPFDPSKTEDSSSFLIDKTTTVQVPMMHQ
MEQYYHLVDMELNCTVLQMDYSKNALALFVLPKEGQMESVEAAMSSKTLKKWNRLLQKGWVDLFVPKFSISATYDLGATL
LKMGIQHAYSENADFSGLTEDNGLKLSNAAHKAVLHIGEKGTEAAGAMFLEAIPR
;
A
2 'polypeptide(L)' HPIIQIDRSFMLLILERSTRSILFLGKVVNPTEA B
#
# COMPACT_ATOMS: atom_id res chain seq x y z
N LEU A 39 -5.80 17.05 5.91
CA LEU A 39 -5.97 15.80 5.08
C LEU A 39 -5.79 15.97 3.58
N TYR A 40 -6.22 17.10 3.02
CA TYR A 40 -6.06 17.38 1.58
C TYR A 40 -4.58 17.55 1.12
N LYS A 41 -3.85 18.31 1.89
CA LYS A 41 -2.43 18.44 1.67
C LYS A 41 -1.73 17.05 1.81
N MET A 42 -2.12 16.29 2.83
CA MET A 42 -1.58 14.96 3.05
C MET A 42 -1.84 14.03 1.88
N SER A 43 -3.03 14.19 1.28
CA SER A 43 -3.35 13.50 0.02
C SER A 43 -2.38 13.67 -1.06
N SER A 44 -2.10 14.88 -1.50
CA SER A 44 -1.11 14.96 -2.52
C SER A 44 0.26 14.42 -2.09
N ILE A 45 0.70 14.69 -0.84
CA ILE A 45 2.04 14.31 -0.47
C ILE A 45 2.14 12.77 -0.42
N ASN A 46 1.14 12.11 0.16
CA ASN A 46 1.17 10.69 0.31
C ASN A 46 1.07 10.00 -1.08
N ALA A 47 0.32 10.61 -2.01
CA ALA A 47 0.22 10.07 -3.35
C ALA A 47 1.58 10.19 -4.07
N ASP A 48 2.24 11.33 -3.93
CA ASP A 48 3.49 11.42 -4.57
C ASP A 48 4.59 10.49 -4.00
N PHE A 49 4.49 10.16 -2.66
CA PHE A 49 5.35 9.16 -2.10
C PHE A 49 5.07 7.80 -2.71
N ALA A 50 3.79 7.50 -2.83
CA ALA A 50 3.38 6.26 -3.49
C ALA A 50 4.00 6.10 -4.85
N PHE A 51 3.92 7.15 -5.68
CA PHE A 51 4.47 7.05 -7.03
C PHE A 51 5.99 7.06 -7.10
N ASN A 52 6.65 7.71 -6.12
CA ASN A 52 8.10 7.65 -6.06
C ASN A 52 8.55 6.28 -5.60
N LEU A 53 7.85 5.63 -4.64
CA LEU A 53 8.20 4.32 -4.29
C LEU A 53 7.92 3.28 -5.40
N TYR A 54 6.75 3.43 -6.06
CA TYR A 54 6.46 2.69 -7.25
C TYR A 54 7.57 2.72 -8.23
N ARG A 55 8.06 3.92 -8.58
CA ARG A 55 9.15 4.01 -9.52
C ARG A 55 10.48 3.35 -9.01
N ARG A 56 10.75 3.39 -7.70
CA ARG A 56 11.82 2.56 -7.17
C ARG A 56 11.63 1.08 -7.47
N PHE A 57 10.42 0.60 -7.27
CA PHE A 57 10.13 -0.80 -7.57
C PHE A 57 10.22 -1.17 -9.01
N THR A 58 9.95 -0.26 -9.96
CA THR A 58 10.05 -0.59 -11.36
C THR A 58 11.52 -0.75 -11.78
N VAL A 59 12.39 -0.18 -10.97
CA VAL A 59 13.86 -0.31 -11.18
C VAL A 59 14.36 -1.61 -10.55
N GLU A 60 13.87 -1.93 -9.36
CA GLU A 60 14.35 -3.14 -8.67
C GLU A 60 13.84 -4.40 -9.27
N THR A 61 12.56 -4.40 -9.70
CA THR A 61 11.90 -5.58 -10.33
C THR A 61 11.33 -5.13 -11.65
N PRO A 62 12.17 -4.94 -12.68
CA PRO A 62 11.72 -4.39 -13.97
C PRO A 62 10.84 -5.33 -14.72
N ASP A 63 9.77 -4.81 -15.31
CA ASP A 63 8.84 -5.58 -16.14
C ASP A 63 8.26 -6.78 -15.38
N LYS A 64 7.98 -6.53 -14.13
CA LYS A 64 7.36 -7.51 -13.24
C LYS A 64 6.12 -6.91 -12.56
N ASN A 65 5.16 -7.76 -12.17
CA ASN A 65 4.06 -7.27 -11.36
C ASN A 65 4.55 -6.52 -10.15
N ILE A 66 3.84 -5.42 -9.81
CA ILE A 66 4.08 -4.58 -8.65
C ILE A 66 2.76 -4.49 -7.92
N PHE A 67 2.74 -4.71 -6.61
CA PHE A 67 1.55 -4.48 -5.87
C PHE A 67 1.90 -4.21 -4.41
N PHE A 68 1.40 -3.07 -3.89
CA PHE A 68 1.73 -2.63 -2.56
C PHE A 68 0.65 -1.67 -2.02
N SER A 69 0.67 -1.49 -0.69
CA SER A 69 -0.21 -0.49 -0.06
C SER A 69 0.62 0.63 0.39
N PRO A 70 0.54 1.75 -0.30
CA PRO A 70 1.37 2.90 0.12
C PRO A 70 0.97 3.47 1.48
N VAL A 71 -0.32 3.38 1.79
CA VAL A 71 -0.82 3.85 3.11
C VAL A 71 -0.26 3.00 4.23
N SER A 72 -0.11 1.70 4.00
CA SER A 72 0.41 0.82 5.03
C SER A 72 1.87 1.20 5.30
N ILE A 73 2.68 1.36 4.26
CA ILE A 73 4.09 1.74 4.44
C ILE A 73 4.23 3.08 5.10
N SER A 74 3.51 4.05 4.60
CA SER A 74 3.51 5.47 5.18
C SER A 74 3.08 5.47 6.62
N ALA A 75 2.08 4.69 6.91
CA ALA A 75 1.54 4.70 8.29
C ALA A 75 2.50 4.07 9.33
N ALA A 76 3.16 2.96 8.95
CA ALA A 76 4.17 2.31 9.75
C ALA A 76 5.30 3.23 10.04
N LEU A 77 5.80 3.90 9.03
CA LEU A 77 6.95 4.75 9.21
C LEU A 77 6.58 5.99 10.07
N VAL A 78 5.40 6.51 9.89
CA VAL A 78 4.98 7.66 10.77
C VAL A 78 4.85 7.12 12.18
N MET A 79 4.28 5.95 12.40
CA MET A 79 4.36 5.42 13.76
C MET A 79 5.74 5.37 14.41
N LEU A 80 6.69 4.85 13.67
CA LEU A 80 8.06 4.75 14.13
C LEU A 80 8.53 6.15 14.45
N SER A 81 8.22 7.10 13.59
CA SER A 81 8.68 8.50 13.80
C SER A 81 8.11 9.16 15.07
N PHE A 82 7.02 8.64 15.63
CA PHE A 82 6.45 9.17 16.90
C PHE A 82 7.43 9.00 18.01
N GLY A 83 8.32 8.00 17.97
CA GLY A 83 9.32 7.71 19.02
C GLY A 83 10.69 8.26 18.70
N ALA A 84 10.83 8.84 17.52
CA ALA A 84 12.09 9.43 17.09
C ALA A 84 12.23 10.90 17.44
N CYS A 85 13.49 11.35 17.51
CA CYS A 85 13.84 12.74 17.76
C CYS A 85 14.86 13.25 16.77
N CYS A 86 14.92 14.55 16.68
CA CYS A 86 15.96 15.30 15.95
C CYS A 86 16.07 14.71 14.53
N SER A 87 17.30 14.53 13.96
CA SER A 87 17.39 14.16 12.57
C SER A 87 16.88 12.78 12.25
N THR A 88 16.80 11.89 13.22
CA THR A 88 16.22 10.60 12.96
C THR A 88 14.73 10.79 12.59
N GLN A 89 14.02 11.63 13.36
CA GLN A 89 12.63 11.92 13.11
C GLN A 89 12.40 12.70 11.82
N THR A 90 13.19 13.74 11.62
CA THR A 90 13.01 14.56 10.45
C THR A 90 13.31 13.80 9.17
N GLU A 91 14.31 12.92 9.22
CA GLU A 91 14.58 12.10 8.02
C GLU A 91 13.44 11.24 7.63
N ILE A 92 12.73 10.67 8.61
CA ILE A 92 11.69 9.78 8.23
C ILE A 92 10.56 10.56 7.56
N VAL A 93 10.12 11.70 8.17
CA VAL A 93 9.00 12.40 7.60
C VAL A 93 9.36 13.11 6.27
N GLU A 94 10.61 13.56 6.13
CA GLU A 94 11.05 14.12 4.87
C GLU A 94 11.12 13.06 3.75
N THR A 95 11.50 11.85 4.12
CA THR A 95 11.49 10.75 3.18
C THR A 95 10.05 10.43 2.69
N LEU A 96 9.09 10.58 3.61
CA LEU A 96 7.68 10.34 3.28
C LEU A 96 7.10 11.46 2.39
N GLY A 97 7.89 12.52 2.15
CA GLY A 97 7.54 13.65 1.30
C GLY A 97 7.09 14.97 1.90
N PHE A 98 7.19 15.10 3.20
CA PHE A 98 6.75 16.29 3.90
C PHE A 98 7.89 17.28 3.97
N ASN A 99 7.48 18.54 3.94
CA ASN A 99 8.38 19.67 4.15
C ASN A 99 7.96 20.34 5.43
N LEU A 100 8.90 20.36 6.42
CA LEU A 100 8.57 20.71 7.79
C LEU A 100 8.29 22.21 7.97
N THR A 101 8.71 23.03 7.00
CA THR A 101 8.24 24.41 7.02
C THR A 101 6.75 24.51 6.73
N ASP A 102 6.28 23.82 5.70
CA ASP A 102 4.88 23.82 5.27
C ASP A 102 3.97 23.07 6.24
N THR A 103 4.38 21.87 6.71
CA THR A 103 3.56 21.03 7.61
C THR A 103 4.48 20.62 8.81
N PRO A 104 4.41 21.34 9.90
CA PRO A 104 5.24 21.03 11.07
C PRO A 104 4.99 19.65 11.57
N MET A 105 5.96 19.14 12.33
CA MET A 105 5.96 17.80 12.72
C MET A 105 4.73 17.47 13.44
N VAL A 106 4.21 18.36 14.31
CA VAL A 106 3.01 17.98 15.08
C VAL A 106 1.73 17.91 14.25
N GLU A 107 1.64 18.66 13.16
CA GLU A 107 0.55 18.58 12.24
C GLU A 107 0.60 17.26 11.43
N ILE A 108 1.79 16.83 11.03
CA ILE A 108 1.96 15.51 10.38
C ILE A 108 1.41 14.46 11.27
N GLN A 109 1.85 14.53 12.53
CA GLN A 109 1.39 13.52 13.50
C GLN A 109 -0.09 13.51 13.65
N HIS A 110 -0.66 14.70 13.86
CA HIS A 110 -2.12 14.82 13.96
C HIS A 110 -2.84 14.32 12.69
N GLY A 111 -2.31 14.65 11.55
CA GLY A 111 -2.97 14.32 10.30
C GLY A 111 -3.03 12.80 10.10
N PHE A 112 -1.91 12.12 10.39
CA PHE A 112 -1.93 10.65 10.27
C PHE A 112 -2.79 9.99 11.27
N GLN A 113 -2.89 10.57 12.45
CA GLN A 113 -3.82 10.01 13.44
C GLN A 113 -5.25 10.14 12.94
N HIS A 114 -5.58 11.27 12.30
CA HIS A 114 -6.93 11.51 11.75
C HIS A 114 -7.21 10.56 10.51
N LEU A 115 -6.18 10.38 9.71
CA LEU A 115 -6.28 9.42 8.58
C LEU A 115 -6.67 8.03 9.03
N ILE A 116 -6.00 7.51 10.06
CA ILE A 116 -6.22 6.17 10.48
C ILE A 116 -7.57 6.06 11.08
N CYS A 117 -7.96 7.06 11.85
CA CYS A 117 -9.34 7.03 12.37
C CYS A 117 -10.45 6.99 11.27
N SER A 118 -10.31 7.88 10.30
CA SER A 118 -11.28 8.01 9.22
C SER A 118 -11.38 6.73 8.39
N LEU A 119 -10.23 6.13 8.10
CA LEU A 119 -10.22 4.93 7.30
C LEU A 119 -10.98 3.81 7.99
N ASN A 120 -10.83 3.72 9.30
CA ASN A 120 -11.51 2.70 10.06
C ASN A 120 -12.95 3.02 10.45
N PHE A 121 -13.39 4.23 10.24
CA PHE A 121 -14.79 4.54 10.62
C PHE A 121 -15.75 3.67 9.79
N PRO A 122 -16.67 2.93 10.45
CA PRO A 122 -17.52 2.04 9.73
C PRO A 122 -18.41 2.65 8.65
N LYS A 123 -18.49 1.97 7.53
CA LYS A 123 -19.30 2.40 6.40
C LYS A 123 -19.99 1.18 5.85
N LYS A 124 -21.28 1.26 5.58
CA LYS A 124 -21.97 0.05 5.15
C LYS A 124 -21.44 -0.37 3.76
N GLU A 125 -21.31 -1.66 3.56
CA GLU A 125 -20.87 -2.29 2.33
C GLU A 125 -19.41 -1.96 2.00
N LEU A 126 -18.63 -1.61 3.00
CA LEU A 126 -17.20 -1.60 2.79
C LEU A 126 -16.50 -2.22 3.99
N GLU A 127 -15.68 -3.26 3.80
CA GLU A 127 -14.77 -3.78 4.85
C GLU A 127 -13.41 -3.09 4.60
N LEU A 128 -12.98 -2.28 5.58
CA LEU A 128 -11.70 -1.59 5.54
C LEU A 128 -11.15 -1.46 6.96
N GLN A 129 -10.10 -2.17 7.25
CA GLN A 129 -9.40 -2.09 8.53
C GLN A 129 -7.95 -1.73 8.29
N ILE A 130 -7.38 -0.84 9.10
CA ILE A 130 -5.99 -0.55 9.05
C ILE A 130 -5.58 -0.36 10.52
N GLY A 131 -4.54 -1.05 10.93
CA GLY A 131 -4.06 -0.89 12.31
C GLY A 131 -2.66 -1.43 12.46
N ASN A 132 -2.17 -1.34 13.70
CA ASN A 132 -0.81 -1.60 14.00
C ASN A 132 -0.65 -2.43 15.21
N ALA A 133 0.46 -3.17 15.25
CA ALA A 133 0.84 -3.98 16.45
C ALA A 133 2.28 -3.80 16.75
N LEU A 134 2.60 -3.72 18.05
CA LEU A 134 3.93 -3.44 18.51
C LEU A 134 4.30 -4.62 19.40
N PHE A 135 5.25 -5.37 18.94
CA PHE A 135 5.79 -6.51 19.67
C PHE A 135 7.08 -6.02 20.37
N ILE A 136 7.01 -5.83 21.67
CA ILE A 136 8.16 -5.21 22.35
C ILE A 136 8.81 -6.18 23.32
N GLY A 137 10.11 -6.31 23.16
CA GLY A 137 10.95 -7.15 24.04
C GLY A 137 10.64 -6.93 25.49
N LYS A 138 10.57 -8.04 26.19
CA LYS A 138 10.17 -8.11 27.61
C LYS A 138 11.08 -7.31 28.52
N HIS A 139 12.27 -6.95 28.07
CA HIS A 139 13.21 -6.20 28.89
C HIS A 139 13.35 -4.77 28.46
N LEU A 140 12.69 -4.36 27.36
CA LEU A 140 12.80 -2.98 26.95
C LEU A 140 11.98 -2.12 27.91
N LYS A 141 12.21 -0.85 27.89
CA LYS A 141 11.68 0.11 28.84
C LYS A 141 10.99 1.20 28.03
N PRO A 142 9.87 0.85 27.44
CA PRO A 142 9.18 1.85 26.64
C PRO A 142 8.58 3.01 27.45
N LEU A 143 8.58 4.16 26.88
CA LEU A 143 8.01 5.40 27.48
C LEU A 143 6.52 5.28 27.51
N ALA A 144 5.95 5.43 28.72
CA ALA A 144 4.49 5.67 28.86
C ALA A 144 3.88 6.50 27.72
N LYS A 145 4.55 7.58 27.32
CA LYS A 145 4.04 8.48 26.30
C LYS A 145 3.88 7.80 24.94
N PHE A 146 4.91 7.09 24.52
CA PHE A 146 4.84 6.41 23.28
C PHE A 146 3.75 5.37 23.30
N LEU A 147 3.64 4.60 24.37
CA LEU A 147 2.64 3.53 24.36
C LEU A 147 1.23 4.09 24.43
N ASN A 148 1.08 5.15 25.24
CA ASN A 148 -0.25 5.81 25.29
C ASN A 148 -0.60 6.45 23.92
N ASP A 149 0.33 7.10 23.23
CA ASP A 149 0.16 7.64 21.88
C ASP A 149 -0.34 6.59 20.87
N VAL A 150 0.40 5.51 20.74
CA VAL A 150 0.07 4.52 19.76
C VAL A 150 -1.25 3.77 20.07
N LYS A 151 -1.48 3.43 21.32
CA LYS A 151 -2.71 2.76 21.65
C LYS A 151 -3.96 3.58 21.49
N THR A 152 -3.94 4.84 21.98
CA THR A 152 -5.14 5.63 22.03
C THR A 152 -5.39 6.40 20.68
N LEU A 153 -4.34 6.85 20.03
CA LEU A 153 -4.45 7.68 18.89
C LEU A 153 -4.02 7.01 17.55
N TYR A 154 -3.56 5.76 17.57
CA TYR A 154 -3.04 5.14 16.34
C TYR A 154 -3.35 3.68 16.22
N GLU A 155 -4.46 3.30 16.78
CA GLU A 155 -4.97 1.95 16.53
C GLU A 155 -3.90 0.88 16.65
N THR A 156 -3.21 0.87 17.80
CA THR A 156 -2.12 -0.06 18.07
C THR A 156 -2.40 -0.97 19.23
N GLU A 157 -2.21 -2.26 19.01
CA GLU A 157 -2.13 -3.20 20.04
C GLU A 157 -0.68 -3.45 20.41
N VAL A 158 -0.40 -3.55 21.73
CA VAL A 158 0.94 -3.74 22.28
C VAL A 158 1.07 -5.09 22.95
N PHE A 159 2.08 -5.84 22.53
CA PHE A 159 2.33 -7.22 23.05
C PHE A 159 3.74 -7.34 23.58
N SER A 160 3.86 -7.66 24.89
CA SER A 160 5.19 -7.93 25.48
C SER A 160 5.59 -9.30 24.84
N THR A 161 6.77 -9.34 24.27
CA THR A 161 7.25 -10.48 23.47
C THR A 161 8.63 -10.96 24.02
N ASP A 162 8.76 -12.29 24.08
CA ASP A 162 9.97 -12.89 24.51
C ASP A 162 10.81 -13.26 23.29
N PHE A 163 11.64 -12.35 22.87
CA PHE A 163 12.50 -12.52 21.74
C PHE A 163 13.73 -13.43 22.01
N SER A 164 13.89 -13.92 23.23
CA SER A 164 14.77 -15.05 23.51
C SER A 164 14.28 -16.35 22.84
N ASN A 165 13.00 -16.43 22.45
CA ASN A 165 12.45 -17.51 21.60
C ASN A 165 12.10 -16.92 20.24
N ILE A 166 13.11 -16.72 19.39
CA ILE A 166 12.94 -16.00 18.15
C ILE A 166 12.02 -16.69 17.19
N SER A 167 12.10 -18.04 17.07
CA SER A 167 11.29 -18.75 16.17
C SER A 167 9.84 -18.67 16.59
N ALA A 168 9.58 -18.80 17.88
CA ALA A 168 8.19 -18.68 18.43
C ALA A 168 7.65 -17.24 18.19
N ALA A 169 8.50 -16.25 18.35
CA ALA A 169 8.05 -14.81 18.19
C ALA A 169 7.69 -14.56 16.69
N LYS A 170 8.54 -15.02 15.77
CA LYS A 170 8.27 -14.90 14.34
C LYS A 170 6.93 -15.54 13.99
N GLN A 171 6.73 -16.79 14.45
CA GLN A 171 5.44 -17.42 14.21
C GLN A 171 4.22 -16.67 14.81
N GLU A 172 4.35 -16.20 16.03
CA GLU A 172 3.33 -15.39 16.69
C GLU A 172 2.97 -14.12 15.89
N ILE A 173 3.98 -13.45 15.44
CA ILE A 173 3.80 -12.20 14.71
C ILE A 173 3.11 -12.52 13.36
N ASN A 174 3.63 -13.53 12.64
CA ASN A 174 3.00 -13.91 11.37
C ASN A 174 1.54 -14.34 11.59
N SER A 175 1.25 -15.15 12.61
CA SER A 175 -0.11 -15.50 12.79
C SER A 175 -1.07 -14.35 13.17
N HIS A 176 -0.54 -13.38 13.88
CA HIS A 176 -1.31 -12.19 14.20
C HIS A 176 -1.65 -11.42 12.89
N VAL A 177 -0.64 -11.19 12.05
CA VAL A 177 -0.90 -10.50 10.82
C VAL A 177 -1.88 -11.25 9.89
N GLU A 178 -1.75 -12.60 9.84
CA GLU A 178 -2.62 -13.45 9.07
C GLU A 178 -4.07 -13.28 9.57
N MET A 179 -4.27 -13.29 10.90
CA MET A 179 -5.57 -13.04 11.49
C MET A 179 -6.18 -11.64 11.16
N GLN A 180 -5.33 -10.65 11.29
CA GLN A 180 -5.78 -9.25 11.14
C GLN A 180 -6.05 -8.95 9.64
N THR A 181 -5.56 -9.79 8.76
CA THR A 181 -5.83 -9.66 7.34
C THR A 181 -6.83 -10.62 6.78
N LYS A 182 -7.60 -11.22 7.71
CA LYS A 182 -8.66 -12.13 7.29
C LYS A 182 -8.12 -13.33 6.50
N GLY A 183 -6.92 -13.76 6.84
CA GLY A 183 -6.29 -14.90 6.25
C GLY A 183 -5.46 -14.64 5.04
N LYS A 184 -5.41 -13.35 4.62
CA LYS A 184 -4.87 -13.08 3.28
C LYS A 184 -3.38 -12.83 3.18
N VAL A 185 -2.75 -12.35 4.25
CA VAL A 185 -1.27 -12.09 4.29
C VAL A 185 -0.64 -13.14 5.24
N VAL A 186 -0.07 -14.17 4.60
CA VAL A 186 0.52 -15.32 5.30
C VAL A 186 2.07 -15.21 5.20
N GLY A 187 2.80 -15.55 6.30
CA GLY A 187 4.24 -15.55 6.19
C GLY A 187 4.87 -14.23 5.98
N LEU A 188 4.34 -13.15 6.58
CA LEU A 188 4.96 -11.85 6.38
C LEU A 188 6.47 -11.87 6.63
N ILE A 189 6.87 -12.38 7.78
CA ILE A 189 8.28 -12.39 8.24
C ILE A 189 8.85 -13.76 7.85
N GLN A 190 9.75 -13.77 6.91
CA GLN A 190 10.44 -14.98 6.61
C GLN A 190 11.63 -15.27 7.57
N ASP A 191 12.38 -14.26 7.93
CA ASP A 191 13.55 -14.36 8.84
C ASP A 191 13.55 -13.22 9.80
N LEU A 192 13.88 -13.47 11.08
CA LEU A 192 14.00 -12.45 12.04
C LEU A 192 15.48 -12.51 12.51
N LYS A 193 16.13 -11.39 12.69
CA LYS A 193 17.52 -11.40 13.22
C LYS A 193 17.49 -11.96 14.61
N PRO A 194 18.58 -12.67 14.97
CA PRO A 194 18.55 -13.33 16.27
C PRO A 194 18.60 -12.38 17.45
N ASN A 195 19.11 -11.18 17.21
CA ASN A 195 19.13 -10.12 18.23
C ASN A 195 17.96 -9.17 18.15
N THR A 196 16.86 -9.53 17.43
CA THR A 196 15.69 -8.67 17.44
C THR A 196 15.16 -8.36 18.81
N ILE A 197 14.85 -7.10 19.07
CA ILE A 197 14.23 -6.69 20.28
C ILE A 197 12.92 -5.93 20.22
N MET A 198 12.43 -5.65 19.00
CA MET A 198 11.16 -5.03 18.83
C MET A 198 10.78 -5.19 17.34
N VAL A 199 9.49 -5.46 17.15
CA VAL A 199 8.91 -5.47 15.83
C VAL A 199 7.63 -4.61 15.79
N LEU A 200 7.55 -3.72 14.80
CA LEU A 200 6.36 -2.90 14.53
C LEU A 200 5.74 -3.41 13.23
N VAL A 201 4.45 -3.74 13.30
CA VAL A 201 3.69 -4.16 12.11
C VAL A 201 2.50 -3.27 11.90
N ASN A 202 2.27 -2.89 10.61
CA ASN A 202 1.00 -2.28 10.19
C ASN A 202 0.32 -3.26 9.26
N TYR A 203 -0.99 -3.43 9.39
CA TYR A 203 -1.81 -4.22 8.44
C TYR A 203 -2.94 -3.43 7.90
N ILE A 204 -3.35 -3.81 6.68
CA ILE A 204 -4.54 -3.26 5.99
C ILE A 204 -5.31 -4.38 5.31
N HIS A 205 -6.63 -4.39 5.49
CA HIS A 205 -7.48 -5.29 4.77
C HIS A 205 -8.63 -4.53 4.15
N PHE A 206 -9.01 -4.85 2.90
CA PHE A 206 -10.05 -4.14 2.13
C PHE A 206 -10.83 -5.18 1.33
N LYS A 207 -12.13 -5.12 1.50
CA LYS A 207 -13.03 -5.95 0.71
C LYS A 207 -14.28 -5.18 0.34
N ALA A 208 -14.56 -5.05 -0.99
CA ALA A 208 -15.64 -4.19 -1.44
C ALA A 208 -16.26 -4.81 -2.67
N GLN A 209 -17.53 -4.52 -2.88
CA GLN A 209 -18.28 -4.98 -4.09
C GLN A 209 -18.27 -3.89 -5.15
N TRP A 210 -18.19 -4.25 -6.42
CA TRP A 210 -18.35 -3.26 -7.47
C TRP A 210 -19.78 -2.59 -7.38
N ALA A 211 -19.84 -1.30 -7.69
CA ALA A 211 -21.13 -0.64 -7.82
C ALA A 211 -21.97 -1.35 -8.94
N ASN A 212 -21.28 -1.81 -10.00
CA ASN A 212 -21.83 -2.58 -11.10
C ASN A 212 -21.08 -3.90 -11.27
N PRO A 213 -21.53 -4.91 -10.53
CA PRO A 213 -20.88 -6.19 -10.64
C PRO A 213 -20.95 -6.80 -11.99
N PHE A 214 -20.02 -7.71 -12.32
CA PHE A 214 -20.06 -8.42 -13.57
C PHE A 214 -20.93 -9.63 -13.45
N ASP A 215 -21.54 -9.99 -14.63
CA ASP A 215 -22.31 -11.27 -14.67
C ASP A 215 -21.35 -12.40 -15.04
N PRO A 216 -21.19 -13.38 -14.17
CA PRO A 216 -20.24 -14.45 -14.44
C PRO A 216 -20.62 -15.28 -15.66
N SER A 217 -21.89 -15.24 -16.08
CA SER A 217 -22.23 -15.93 -17.36
C SER A 217 -21.65 -15.28 -18.62
N LYS A 218 -21.13 -14.05 -18.50
CA LYS A 218 -20.48 -13.34 -19.59
C LYS A 218 -18.96 -13.38 -19.50
N THR A 219 -18.45 -13.98 -18.43
CA THR A 219 -17.01 -14.14 -18.32
C THR A 219 -16.52 -15.22 -19.28
N GLU A 220 -15.55 -14.87 -20.08
CA GLU A 220 -14.92 -15.84 -21.04
C GLU A 220 -13.80 -16.60 -20.31
N ASP A 221 -13.96 -17.92 -20.17
CA ASP A 221 -13.11 -18.79 -19.34
C ASP A 221 -11.64 -18.64 -19.59
N SER A 222 -11.28 -18.54 -20.88
CA SER A 222 -9.90 -18.43 -21.30
C SER A 222 -9.82 -17.38 -22.41
N SER A 223 -9.21 -16.27 -22.13
CA SER A 223 -8.98 -15.21 -23.07
CA SER A 223 -8.97 -15.25 -23.12
C SER A 223 -7.55 -14.82 -23.00
N SER A 224 -7.00 -14.26 -24.06
CA SER A 224 -5.59 -13.89 -24.11
C SER A 224 -5.29 -12.57 -23.42
N PHE A 225 -4.18 -12.56 -22.67
CA PHE A 225 -3.68 -11.32 -22.03
C PHE A 225 -2.22 -11.21 -22.47
N LEU A 226 -1.82 -10.12 -23.05
CA LEU A 226 -0.50 -9.96 -23.51
C LEU A 226 0.50 -9.57 -22.35
N ILE A 227 1.50 -10.41 -22.12
CA ILE A 227 2.50 -10.24 -21.05
C ILE A 227 3.81 -9.64 -21.54
N ASP A 228 4.02 -9.75 -22.84
CA ASP A 228 5.20 -9.15 -23.50
C ASP A 228 4.88 -9.16 -25.00
N LYS A 229 5.74 -8.64 -25.87
CA LYS A 229 5.37 -8.49 -27.27
C LYS A 229 4.95 -9.73 -27.98
N THR A 230 5.51 -10.86 -27.60
CA THR A 230 5.22 -12.11 -28.35
C THR A 230 4.50 -13.17 -27.59
N THR A 231 4.05 -12.86 -26.38
CA THR A 231 3.55 -13.90 -25.48
C THR A 231 2.30 -13.47 -24.83
N THR A 232 1.38 -14.40 -24.78
CA THR A 232 0.13 -14.21 -24.06
C THR A 232 0.01 -15.29 -23.01
N VAL A 233 -0.80 -15.02 -22.04
CA VAL A 233 -1.34 -15.98 -21.12
C VAL A 233 -2.85 -15.99 -21.14
N GLN A 234 -3.42 -17.06 -20.65
CA GLN A 234 -4.87 -17.22 -20.65
C GLN A 234 -5.38 -16.81 -19.26
N VAL A 235 -6.43 -16.01 -19.31
CA VAL A 235 -7.09 -15.53 -18.11
CA VAL A 235 -7.13 -15.46 -18.11
C VAL A 235 -8.61 -15.48 -18.35
N PRO A 236 -9.42 -15.68 -17.31
CA PRO A 236 -10.85 -15.45 -17.44
C PRO A 236 -11.03 -13.89 -17.63
N MET A 237 -11.79 -13.51 -18.64
CA MET A 237 -12.02 -12.11 -19.01
C MET A 237 -13.47 -11.78 -18.73
N MET A 238 -13.71 -10.91 -17.79
CA MET A 238 -15.06 -10.42 -17.46
C MET A 238 -15.47 -9.42 -18.48
N HIS A 239 -16.76 -9.29 -18.69
CA HIS A 239 -17.29 -8.43 -19.79
C HIS A 239 -18.54 -7.72 -19.34
N GLN A 240 -18.65 -6.40 -19.49
CA GLN A 240 -19.85 -5.64 -19.13
C GLN A 240 -19.93 -4.43 -20.00
N MET A 241 -21.08 -4.16 -20.58
CA MET A 241 -21.28 -2.83 -21.21
C MET A 241 -22.09 -1.95 -20.19
N GLU A 242 -21.52 -0.88 -19.72
CA GLU A 242 -22.03 -0.03 -18.74
C GLU A 242 -21.55 1.40 -18.90
N GLN A 243 -22.19 2.34 -18.27
CA GLN A 243 -21.66 3.72 -18.20
C GLN A 243 -20.54 3.74 -17.14
N TYR A 244 -19.33 4.15 -17.56
CA TYR A 244 -18.20 4.34 -16.64
C TYR A 244 -17.59 5.70 -16.91
N TYR A 245 -17.06 6.31 -15.87
CA TYR A 245 -16.18 7.45 -16.04
C TYR A 245 -14.95 6.89 -16.71
N HIS A 246 -14.49 7.65 -17.75
CA HIS A 246 -13.34 7.21 -18.49
C HIS A 246 -12.71 8.33 -19.29
N LEU A 247 -11.52 8.15 -19.72
CA LEU A 247 -10.78 9.22 -20.48
C LEU A 247 -9.80 8.54 -21.39
N VAL A 248 -9.43 9.24 -22.48
CA VAL A 248 -8.17 8.95 -23.14
C VAL A 248 -7.30 10.17 -22.87
N ASP A 249 -6.18 10.01 -22.17
CA ASP A 249 -5.28 11.08 -21.91
C ASP A 249 -4.46 11.31 -23.14
N MET A 250 -4.63 12.51 -23.71
CA MET A 250 -4.12 12.82 -25.02
C MET A 250 -2.67 13.15 -24.93
N GLU A 251 -2.25 13.48 -23.72
CA GLU A 251 -0.85 13.76 -23.49
C GLU A 251 0.01 12.55 -23.16
N LEU A 252 -0.57 11.74 -22.27
CA LEU A 252 0.21 10.62 -21.65
C LEU A 252 0.02 9.39 -22.42
N ASN A 253 -0.81 9.41 -23.50
CA ASN A 253 -1.13 8.29 -24.29
C ASN A 253 -1.52 7.05 -23.47
N CYS A 254 -2.63 7.23 -22.79
CA CYS A 254 -3.19 6.10 -22.03
C CYS A 254 -4.67 6.29 -21.91
N THR A 255 -5.38 5.18 -21.73
CA THR A 255 -6.78 5.10 -21.34
C THR A 255 -6.90 4.97 -19.85
N VAL A 256 -7.83 5.75 -19.23
CA VAL A 256 -8.12 5.66 -17.79
C VAL A 256 -9.57 5.31 -17.62
N LEU A 257 -9.87 4.28 -16.78
CA LEU A 257 -11.20 3.75 -16.57
C LEU A 257 -11.41 3.65 -15.09
N GLN A 258 -12.46 4.31 -14.61
CA GLN A 258 -12.87 4.36 -13.21
C GLN A 258 -13.96 3.33 -12.98
N MET A 259 -13.77 2.45 -12.00
CA MET A 259 -14.86 1.55 -11.56
C MET A 259 -15.07 1.74 -10.13
N ASP A 260 -16.29 2.19 -9.77
CA ASP A 260 -16.62 2.47 -8.39
C ASP A 260 -16.92 1.20 -7.61
N TYR A 261 -16.55 1.23 -6.36
CA TYR A 261 -17.15 0.23 -5.40
C TYR A 261 -18.39 0.83 -4.91
N SER A 262 -19.18 -0.03 -4.25
CA SER A 262 -20.50 0.43 -3.86
C SER A 262 -20.54 1.54 -2.88
N LYS A 263 -19.54 1.65 -2.00
CA LYS A 263 -19.42 2.72 -1.00
C LYS A 263 -18.01 3.14 -0.72
N ASN A 264 -17.77 4.47 -0.84
CA ASN A 264 -16.60 5.12 -0.23
C ASN A 264 -15.25 4.73 -0.88
N ALA A 265 -15.27 4.09 -2.04
CA ALA A 265 -14.01 3.62 -2.65
C ALA A 265 -14.17 3.48 -4.18
N LEU A 266 -13.07 3.49 -4.93
CA LEU A 266 -13.12 3.30 -6.40
C LEU A 266 -11.78 2.70 -6.82
N ALA A 267 -11.79 2.11 -7.97
CA ALA A 267 -10.62 1.59 -8.63
C ALA A 267 -10.35 2.46 -9.90
N LEU A 268 -9.07 2.73 -10.18
CA LEU A 268 -8.64 3.29 -11.43
C LEU A 268 -7.76 2.30 -12.18
N PHE A 269 -8.10 2.07 -13.43
CA PHE A 269 -7.30 1.20 -14.33
C PHE A 269 -6.66 2.09 -15.40
N VAL A 270 -5.36 2.00 -15.54
CA VAL A 270 -4.56 2.92 -16.41
C VAL A 270 -3.91 1.98 -17.47
N LEU A 271 -4.35 2.09 -18.72
CA LEU A 271 -3.96 1.22 -19.82
C LEU A 271 -3.14 2.04 -20.84
N PRO A 272 -1.86 1.95 -20.77
CA PRO A 272 -1.06 2.69 -21.72
C PRO A 272 -1.23 2.15 -23.11
N LYS A 273 -0.99 3.01 -24.10
CA LYS A 273 -0.90 2.57 -25.44
C LYS A 273 0.31 1.64 -25.57
N GLU A 274 0.26 0.81 -26.59
CA GLU A 274 1.39 -0.13 -26.82
C GLU A 274 2.76 0.58 -26.89
N GLY A 275 3.69 0.05 -26.09
CA GLY A 275 5.04 0.65 -25.90
C GLY A 275 5.15 1.89 -24.99
N GLN A 276 4.08 2.24 -24.29
CA GLN A 276 4.11 3.52 -23.61
C GLN A 276 4.09 3.33 -22.09
N MET A 277 4.16 2.12 -21.59
CA MET A 277 4.15 2.00 -20.11
C MET A 277 5.19 2.76 -19.35
N GLU A 278 6.46 2.80 -19.81
CA GLU A 278 7.47 3.50 -19.08
C GLU A 278 7.14 5.00 -19.03
N SER A 279 6.69 5.57 -20.16
CA SER A 279 6.38 7.01 -20.20
C SER A 279 5.24 7.38 -19.24
N VAL A 280 4.25 6.47 -19.10
CA VAL A 280 3.11 6.70 -18.21
C VAL A 280 3.64 6.64 -16.73
N GLU A 281 4.43 5.61 -16.44
CA GLU A 281 5.05 5.43 -15.12
C GLU A 281 5.84 6.68 -14.71
N ALA A 282 6.58 7.30 -15.63
CA ALA A 282 7.35 8.50 -15.32
C ALA A 282 6.47 9.73 -15.02
N ALA A 283 5.30 9.75 -15.63
CA ALA A 283 4.35 10.86 -15.44
C ALA A 283 3.53 10.76 -14.18
N MET A 284 3.37 9.60 -13.56
CA MET A 284 2.39 9.53 -12.55
C MET A 284 2.78 10.37 -11.29
N SER A 285 1.83 11.21 -10.89
CA SER A 285 2.05 12.16 -9.79
C SER A 285 0.67 12.55 -9.25
N SER A 286 0.69 13.24 -8.15
CA SER A 286 -0.53 13.87 -7.61
C SER A 286 -1.18 14.82 -8.62
N LYS A 287 -0.32 15.54 -9.35
CA LYS A 287 -0.78 16.41 -10.41
C LYS A 287 -1.63 15.64 -11.44
N THR A 288 -1.12 14.45 -11.86
CA THR A 288 -1.84 13.68 -12.82
C THR A 288 -3.17 13.22 -12.30
N LEU A 289 -3.18 12.79 -11.08
CA LEU A 289 -4.45 12.40 -10.51
C LEU A 289 -5.46 13.52 -10.45
N LYS A 290 -5.04 14.71 -10.07
CA LYS A 290 -5.96 15.85 -9.97
C LYS A 290 -6.47 16.14 -11.42
N LYS A 291 -5.61 16.03 -12.44
CA LYS A 291 -6.04 16.28 -13.84
C LYS A 291 -7.11 15.25 -14.21
N TRP A 292 -6.84 13.97 -13.94
CA TRP A 292 -7.87 12.97 -14.25
C TRP A 292 -9.17 13.18 -13.51
N ASN A 293 -9.11 13.53 -12.25
CA ASN A 293 -10.30 13.76 -11.43
C ASN A 293 -11.25 14.76 -12.11
N ARG A 294 -10.66 15.75 -12.75
CA ARG A 294 -11.42 16.79 -13.55
C ARG A 294 -11.91 16.33 -14.89
N LEU A 295 -11.08 15.54 -15.59
CA LEU A 295 -11.40 15.16 -16.92
C LEU A 295 -12.26 13.96 -17.22
N LEU A 296 -12.23 12.97 -16.32
CA LEU A 296 -13.03 11.83 -16.58
C LEU A 296 -14.49 12.15 -16.78
N GLN A 297 -15.08 11.50 -17.77
CA GLN A 297 -16.51 11.68 -18.13
C GLN A 297 -17.23 10.36 -18.20
N LYS A 298 -18.47 10.28 -17.65
CA LYS A 298 -19.20 9.07 -17.65
C LYS A 298 -19.89 8.81 -18.97
N GLY A 299 -19.67 7.66 -19.61
CA GLY A 299 -20.41 7.28 -20.78
C GLY A 299 -20.30 5.81 -21.08
N TRP A 300 -21.09 5.31 -22.04
CA TRP A 300 -21.09 3.90 -22.31
C TRP A 300 -19.73 3.34 -22.75
N VAL A 301 -19.37 2.20 -22.22
CA VAL A 301 -18.14 1.50 -22.56
C VAL A 301 -18.41 0.04 -22.63
N ASP A 302 -17.91 -0.60 -23.69
CA ASP A 302 -17.97 -2.11 -23.76
C ASP A 302 -16.64 -2.53 -23.11
N LEU A 303 -16.70 -3.04 -21.86
CA LEU A 303 -15.49 -3.20 -21.00
C LEU A 303 -15.15 -4.66 -20.80
N PHE A 304 -13.90 -4.99 -21.01
CA PHE A 304 -13.33 -6.32 -20.74
C PHE A 304 -12.25 -6.15 -19.67
N VAL A 305 -12.34 -6.86 -18.58
CA VAL A 305 -11.44 -6.76 -17.37
C VAL A 305 -11.07 -8.20 -16.95
N PRO A 306 -9.81 -8.52 -16.69
CA PRO A 306 -9.48 -9.92 -16.20
C PRO A 306 -9.88 -10.15 -14.79
N LYS A 307 -10.24 -11.42 -14.54
CA LYS A 307 -10.38 -11.94 -13.21
C LYS A 307 -9.08 -12.59 -12.82
N PHE A 308 -8.50 -12.22 -11.66
CA PHE A 308 -7.17 -12.67 -11.37
C PHE A 308 -6.77 -12.38 -9.92
N SER A 309 -5.68 -13.01 -9.47
CA SER A 309 -5.08 -12.77 -8.17
C SER A 309 -3.59 -12.59 -8.39
N ILE A 310 -2.99 -11.69 -7.63
CA ILE A 310 -1.55 -11.61 -7.61
C ILE A 310 -1.06 -11.25 -6.18
N SER A 311 0.23 -11.45 -5.99
CA SER A 311 0.88 -11.10 -4.68
C SER A 311 2.26 -10.57 -4.94
N ALA A 312 2.79 -9.75 -4.02
CA ALA A 312 4.10 -9.26 -4.15
C ALA A 312 4.74 -9.03 -2.79
N THR A 313 6.07 -9.14 -2.76
CA THR A 313 6.83 -8.95 -1.53
C THR A 313 7.98 -8.02 -1.84
N TYR A 314 8.33 -7.21 -0.84
CA TYR A 314 9.41 -6.22 -0.97
C TYR A 314 10.28 -6.28 0.29
N ASP A 315 11.58 -6.30 0.10
CA ASP A 315 12.58 -6.10 1.17
C ASP A 315 12.91 -4.64 1.02
N LEU A 316 12.44 -3.86 1.98
CA LEU A 316 12.55 -2.42 1.93
C LEU A 316 13.69 -1.73 2.68
N GLY A 317 14.49 -2.49 3.39
CA GLY A 317 15.56 -1.89 4.27
C GLY A 317 16.44 -0.96 3.42
N ALA A 318 17.06 -1.54 2.39
CA ALA A 318 18.00 -0.70 1.58
C ALA A 318 17.31 0.37 0.81
N THR A 319 16.10 0.09 0.33
CA THR A 319 15.38 1.10 -0.40
C THR A 319 15.09 2.35 0.47
N LEU A 320 14.63 2.11 1.66
CA LEU A 320 14.32 3.26 2.54
C LEU A 320 15.58 4.03 2.90
N LEU A 321 16.72 3.34 3.02
CA LEU A 321 18.00 4.02 3.32
C LEU A 321 18.31 4.91 2.14
N LYS A 322 18.15 4.35 0.91
CA LYS A 322 18.43 5.18 -0.28
C LYS A 322 17.59 6.39 -0.43
N MET A 323 16.35 6.29 0.01
CA MET A 323 15.37 7.34 -0.04
C MET A 323 15.55 8.40 1.01
N GLY A 324 16.43 8.12 1.97
CA GLY A 324 16.82 9.10 2.97
C GLY A 324 16.72 8.77 4.42
N ILE A 325 16.18 7.62 4.77
CA ILE A 325 16.14 7.22 6.15
C ILE A 325 17.49 6.59 6.57
N GLN A 326 18.37 7.37 7.24
CA GLN A 326 19.76 6.96 7.45
C GLN A 326 20.09 6.79 8.92
N HIS A 327 19.76 7.80 9.75
CA HIS A 327 20.09 7.72 11.16
C HIS A 327 19.33 6.66 11.88
N ALA A 328 18.15 6.32 11.41
CA ALA A 328 17.42 5.27 12.10
C ALA A 328 18.15 3.94 12.13
N TYR A 329 19.00 3.71 11.13
CA TYR A 329 19.77 2.46 11.05
C TYR A 329 21.12 2.49 11.79
N SER A 330 21.50 3.71 12.21
CA SER A 330 22.86 3.97 12.69
C SER A 330 23.07 3.66 14.15
N GLU A 331 24.37 3.60 14.52
CA GLU A 331 24.71 3.37 15.93
C GLU A 331 24.24 4.57 16.79
N ASN A 332 24.07 5.73 16.13
CA ASN A 332 23.55 6.91 16.82
C ASN A 332 22.08 7.24 16.53
N ALA A 333 21.27 6.20 16.24
CA ALA A 333 19.82 6.41 16.01
C ALA A 333 19.28 7.13 17.23
N ASP A 334 18.39 8.12 17.03
CA ASP A 334 17.71 8.77 18.12
C ASP A 334 16.27 8.39 18.18
N PHE A 335 15.98 7.35 18.95
CA PHE A 335 14.65 6.96 19.30
C PHE A 335 14.38 7.25 20.81
N SER A 336 14.83 8.37 21.27
CA SER A 336 14.63 8.89 22.66
C SER A 336 13.21 9.00 23.13
N GLY A 337 12.24 9.09 22.20
CA GLY A 337 10.87 9.14 22.51
C GLY A 337 10.20 7.80 22.68
N LEU A 338 10.92 6.73 22.42
CA LEU A 338 10.42 5.36 22.38
C LEU A 338 10.75 4.60 23.63
N THR A 339 11.98 4.64 24.06
CA THR A 339 12.43 3.90 25.27
C THR A 339 13.31 4.76 26.12
N GLU A 340 13.36 4.38 27.38
CA GLU A 340 14.17 5.14 28.36
C GLU A 340 15.64 5.23 28.00
N ASP A 341 16.20 4.15 27.57
CA ASP A 341 17.63 4.12 27.36
C ASP A 341 18.02 4.43 25.93
N ASN A 342 17.02 4.71 25.05
CA ASN A 342 17.36 4.80 23.57
C ASN A 342 18.35 3.75 23.12
N GLY A 343 17.98 2.48 23.34
CA GLY A 343 18.95 1.43 23.10
C GLY A 343 18.65 0.58 21.86
N LEU A 344 17.83 1.11 20.95
CA LEU A 344 17.43 0.30 19.75
C LEU A 344 17.73 1.08 18.44
N LYS A 345 17.94 0.34 17.36
CA LYS A 345 18.08 0.95 16.01
C LYS A 345 17.30 0.08 15.04
N LEU A 346 16.85 0.67 13.96
CA LEU A 346 16.16 -0.11 12.94
C LEU A 346 17.16 -1.02 12.24
N SER A 347 16.75 -2.22 11.92
CA SER A 347 17.64 -3.16 11.16
C SER A 347 17.09 -3.65 9.79
N ASN A 348 15.79 -3.80 9.69
CA ASN A 348 15.19 -4.34 8.48
C ASN A 348 13.75 -3.82 8.38
N ALA A 349 13.25 -3.94 7.14
CA ALA A 349 11.89 -3.47 6.83
C ALA A 349 11.38 -4.27 5.63
N ALA A 350 10.13 -4.72 5.64
CA ALA A 350 9.59 -5.53 4.49
C ALA A 350 8.11 -5.36 4.43
N HIS A 351 7.57 -5.58 3.21
CA HIS A 351 6.13 -5.47 2.98
C HIS A 351 5.63 -6.61 2.11
N LYS A 352 4.42 -7.10 2.36
CA LYS A 352 3.78 -8.03 1.49
C LYS A 352 2.34 -7.54 1.23
N ALA A 353 1.88 -7.72 -0.01
CA ALA A 353 0.50 -7.29 -0.40
C ALA A 353 -0.03 -8.27 -1.41
N VAL A 354 -1.34 -8.47 -1.33
CA VAL A 354 -2.08 -9.40 -2.13
C VAL A 354 -3.39 -8.76 -2.72
N LEU A 355 -3.80 -9.25 -3.87
CA LEU A 355 -4.93 -8.68 -4.59
C LEU A 355 -5.75 -9.81 -5.25
N HIS A 356 -7.10 -9.74 -5.13
CA HIS A 356 -8.01 -10.51 -5.95
C HIS A 356 -9.05 -9.63 -6.57
N ILE A 357 -9.26 -9.75 -7.90
CA ILE A 357 -10.36 -9.08 -8.61
C ILE A 357 -11.18 -10.07 -9.30
N GLY A 358 -12.49 -10.07 -9.04
CA GLY A 358 -13.42 -10.90 -9.79
C GLY A 358 -14.74 -10.24 -10.06
N GLU A 359 -15.80 -11.02 -10.32
CA GLU A 359 -17.04 -10.42 -10.77
C GLU A 359 -17.76 -9.60 -9.71
N LYS A 360 -17.65 -10.02 -8.43
CA LYS A 360 -18.33 -9.32 -7.35
C LYS A 360 -17.68 -8.07 -6.87
N GLY A 361 -16.37 -8.01 -6.99
CA GLY A 361 -15.64 -6.89 -6.45
C GLY A 361 -14.14 -7.14 -6.35
N THR A 362 -13.55 -6.65 -5.25
CA THR A 362 -12.12 -6.75 -5.01
C THR A 362 -11.87 -7.05 -3.51
N GLU A 363 -10.88 -7.86 -3.25
CA GLU A 363 -10.34 -8.07 -1.90
C GLU A 363 -8.83 -7.76 -2.05
N ALA A 364 -8.28 -6.99 -1.12
CA ALA A 364 -6.88 -6.75 -1.10
C ALA A 364 -6.36 -6.60 0.34
N ALA A 365 -5.09 -6.97 0.54
CA ALA A 365 -4.51 -6.77 1.91
C ALA A 365 -3.04 -6.54 1.83
N GLY A 366 -2.47 -5.97 2.89
CA GLY A 366 -1.09 -5.71 2.96
C GLY A 366 -0.60 -5.66 4.39
N ALA A 367 0.67 -5.78 4.59
CA ALA A 367 1.30 -5.59 5.91
C ALA A 367 2.70 -5.14 5.75
N MET A 368 3.14 -4.35 6.72
CA MET A 368 4.46 -3.81 6.72
C MET A 368 5.10 -4.17 8.06
N PHE A 369 6.36 -4.56 8.01
CA PHE A 369 7.18 -5.04 9.17
C PHE A 369 8.39 -4.11 9.30
N LEU A 370 8.67 -3.64 10.51
CA LEU A 370 9.91 -2.91 10.84
C LEU A 370 10.51 -3.69 12.06
N GLU A 371 11.83 -3.99 11.93
CA GLU A 371 12.59 -4.80 12.93
C GLU A 371 13.57 -3.90 13.56
N ALA A 372 13.78 -4.06 14.87
CA ALA A 372 14.83 -3.32 15.57
C ALA A 372 15.65 -4.24 16.45
N ILE A 373 16.89 -3.84 16.61
CA ILE A 373 17.92 -4.58 17.33
C ILE A 373 18.57 -3.59 18.32
N PRO A 374 19.41 -4.10 19.25
CA PRO A 374 20.15 -3.19 20.07
C PRO A 374 21.03 -2.25 19.27
N ARG A 375 21.08 -1.03 19.77
CA ARG A 375 21.70 0.04 19.08
C ARG A 375 23.23 -0.12 19.09
N HIS B 1 -20.48 2.05 -29.17
CA HIS B 1 -19.86 2.52 -27.90
C HIS B 1 -18.39 2.10 -27.89
N PRO B 2 -17.53 2.89 -27.26
CA PRO B 2 -16.10 2.59 -27.31
C PRO B 2 -15.83 1.30 -26.55
N ILE B 3 -14.89 0.50 -27.06
CA ILE B 3 -14.41 -0.72 -26.36
C ILE B 3 -13.18 -0.35 -25.53
N ILE B 4 -13.11 -0.84 -24.32
CA ILE B 4 -11.89 -0.77 -23.48
C ILE B 4 -11.57 -2.20 -23.13
N GLN B 5 -10.48 -2.73 -23.68
CA GLN B 5 -10.11 -4.16 -23.41
C GLN B 5 -8.80 -4.18 -22.59
N ILE B 6 -8.90 -4.58 -21.35
CA ILE B 6 -7.75 -4.56 -20.41
C ILE B 6 -7.08 -5.94 -20.63
N ASP B 7 -6.36 -6.05 -21.71
CA ASP B 7 -5.75 -7.30 -22.14
C ASP B 7 -4.28 -7.20 -22.39
N ARG B 8 -3.64 -6.26 -21.72
CA ARG B 8 -2.19 -6.08 -21.71
C ARG B 8 -1.80 -5.32 -20.44
N SER B 9 -0.50 -5.03 -20.25
CA SER B 9 -0.10 -4.53 -18.93
C SER B 9 -0.83 -3.24 -18.57
N PHE B 10 -1.21 -3.14 -17.32
CA PHE B 10 -1.94 -1.94 -16.82
C PHE B 10 -1.48 -1.59 -15.44
N MET B 11 -1.70 -0.36 -15.02
CA MET B 11 -1.53 0.07 -13.62
C MET B 11 -2.92 0.12 -13.01
N LEU B 12 -2.99 -0.13 -11.69
CA LEU B 12 -4.19 -0.16 -10.91
C LEU B 12 -4.01 0.70 -9.65
N LEU B 13 -5.01 1.50 -9.32
CA LEU B 13 -5.05 2.24 -8.05
C LEU B 13 -6.37 1.92 -7.37
N ILE B 14 -6.32 1.67 -6.07
CA ILE B 14 -7.57 1.54 -5.23
C ILE B 14 -7.55 2.72 -4.26
N LEU B 15 -8.54 3.58 -4.43
CA LEU B 15 -8.68 4.80 -3.66
C LEU B 15 -9.85 4.83 -2.73
N GLU B 16 -9.66 5.51 -1.58
CA GLU B 16 -10.69 5.71 -0.56
C GLU B 16 -11.12 7.17 -0.64
N ARG B 17 -12.44 7.35 -0.56
CA ARG B 17 -13.04 8.69 -0.85
C ARG B 17 -12.92 9.67 0.28
N SER B 18 -13.22 9.23 1.48
CA SER B 18 -13.31 10.24 2.63
C SER B 18 -11.97 10.94 2.93
N THR B 19 -10.84 10.25 2.68
CA THR B 19 -9.55 10.79 2.91
C THR B 19 -8.77 11.08 1.65
N ARG B 20 -9.33 10.70 0.52
CA ARG B 20 -8.63 10.83 -0.74
C ARG B 20 -7.21 10.15 -0.72
N SER B 21 -7.20 8.92 -0.27
CA SER B 21 -6.02 8.09 -0.04
C SER B 21 -5.84 7.01 -1.11
N ILE B 22 -4.60 6.74 -1.50
CA ILE B 22 -4.24 5.54 -2.31
C ILE B 22 -4.09 4.40 -1.36
N LEU B 23 -5.05 3.51 -1.26
CA LEU B 23 -4.92 2.32 -0.44
C LEU B 23 -3.95 1.28 -1.01
N PHE B 24 -4.05 1.05 -2.31
CA PHE B 24 -3.18 0.11 -3.02
C PHE B 24 -2.79 0.69 -4.37
N LEU B 25 -1.61 0.32 -4.82
CA LEU B 25 -1.07 0.76 -6.11
C LEU B 25 -0.32 -0.42 -6.70
N GLY B 26 -0.53 -0.63 -7.98
CA GLY B 26 0.28 -1.64 -8.67
C GLY B 26 0.28 -1.61 -10.17
N LYS B 27 1.00 -2.62 -10.72
CA LYS B 27 1.07 -2.93 -12.11
C LYS B 27 0.93 -4.34 -12.37
N VAL B 28 0.04 -4.68 -13.29
CA VAL B 28 -0.18 -6.05 -13.61
C VAL B 28 0.46 -6.26 -14.97
N VAL B 29 1.50 -7.07 -14.97
CA VAL B 29 2.20 -7.54 -16.18
C VAL B 29 1.77 -8.91 -16.59
N ASN B 30 1.65 -9.78 -15.63
CA ASN B 30 1.24 -11.14 -15.85
C ASN B 30 0.24 -11.56 -14.80
N PRO B 31 -1.03 -11.56 -15.13
CA PRO B 31 -2.08 -11.81 -14.11
C PRO B 31 -2.12 -13.24 -13.59
N THR B 32 -1.36 -14.14 -14.21
CA THR B 32 -1.40 -15.56 -13.75
C THR B 32 -0.08 -15.95 -13.12
N GLU B 33 0.87 -15.00 -12.89
CA GLU B 33 2.13 -15.30 -12.18
C GLU B 33 1.89 -16.02 -10.87
#